data_9V8F
#
_entry.id   9V8F
#
_cell.length_a   32.510
_cell.length_b   85.140
_cell.length_c   99.670
_cell.angle_alpha   90.00
_cell.angle_beta   90.00
_cell.angle_gamma   90.00
#
_symmetry.space_group_name_H-M   'P 2 21 21'
#
loop_
_entity.id
_entity.type
_entity.pdbx_description
1 polymer 'Peroxisome proliferator-activated receptor gamma'
2 polymer PG14
3 non-polymer DI(HYDROXYETHYL)ETHER
4 water water
#
loop_
_entity_poly.entity_id
_entity_poly.type
_entity_poly.pdbx_seq_one_letter_code
_entity_poly.pdbx_strand_id
1 'polypeptide(L)'
;NPESADLRALAKHLYDSYIKSFPLTKAKARAILTGKTTDKSPFVIYDMNSLMMGEDKIKFKHITPLQEQSKEVAIRIFQG
CQFRSVEAVQEITEYAKSIPGFVNLDLNDQVTLLKYGVHEIIYTMLASLMNKDGVLISEGQGFMTREFLKSLRKPFGDFM
EPKFEFAVKFNALELDDSDLAIFIAVIILSGDRPGLLNVKPIEDIQDNLLQALELQLKLNHPESSQLFAKLLQKMTDLRQ
IVTEHVQLLQVIKKTETDMSLHPLLQEIYKDLY
;
A
2 'polypeptide(L)' (ACE)(DTY)THHRISDY(A1L9X)RLT(A1L9X)LLC(NH2) B
#
# COMPACT_ATOMS: atom_id res chain seq x y z
N ASN A 1 -10.16 -30.11 -10.18
CA ASN A 1 -10.13 -30.34 -8.70
C ASN A 1 -8.69 -30.34 -8.19
N PRO A 2 -7.71 -31.03 -8.84
CA PRO A 2 -6.30 -30.86 -8.48
C PRO A 2 -5.81 -29.45 -8.80
N GLU A 3 -6.42 -28.81 -9.80
CA GLU A 3 -6.13 -27.41 -10.11
C GLU A 3 -6.82 -26.53 -9.06
N SER A 4 -8.12 -26.75 -8.83
CA SER A 4 -8.86 -26.12 -7.74
C SER A 4 -8.05 -26.19 -6.44
N ALA A 5 -7.62 -27.40 -6.06
CA ALA A 5 -6.81 -27.58 -4.88
C ALA A 5 -5.60 -26.66 -4.95
N ASP A 6 -4.87 -26.70 -6.07
CA ASP A 6 -3.68 -25.87 -6.22
C ASP A 6 -4.02 -24.40 -5.99
N LEU A 7 -5.14 -23.93 -6.54
CA LEU A 7 -5.55 -22.54 -6.47
C LEU A 7 -5.89 -22.14 -5.04
N ARG A 8 -6.55 -23.04 -4.31
CA ARG A 8 -6.89 -22.81 -2.91
C ARG A 8 -5.63 -22.82 -2.07
N ALA A 9 -4.70 -23.71 -2.41
CA ALA A 9 -3.42 -23.82 -1.71
C ALA A 9 -2.61 -22.55 -1.93
N LEU A 10 -2.76 -21.93 -3.11
CA LEU A 10 -2.02 -20.71 -3.42
C LEU A 10 -2.62 -19.56 -2.62
N ALA A 11 -3.96 -19.45 -2.62
CA ALA A 11 -4.67 -18.46 -1.80
C ALA A 11 -4.21 -18.57 -0.34
N LYS A 12 -4.16 -19.80 0.17
CA LYS A 12 -3.77 -20.04 1.56
C LYS A 12 -2.31 -19.62 1.82
N HIS A 13 -1.41 -19.96 0.90
CA HIS A 13 -0.01 -19.59 1.04
C HIS A 13 0.15 -18.06 1.15
N LEU A 14 -0.53 -17.33 0.27
CA LEU A 14 -0.43 -15.90 0.21
C LEU A 14 -1.02 -15.29 1.49
N TYR A 15 -2.16 -15.82 1.98
CA TYR A 15 -2.76 -15.32 3.21
C TYR A 15 -1.79 -15.53 4.37
N ASP A 16 -1.19 -16.71 4.43
CA ASP A 16 -0.24 -17.01 5.50
C ASP A 16 0.95 -16.05 5.45
N SER A 17 1.42 -15.76 4.23
CA SER A 17 2.57 -14.90 4.08
C SER A 17 2.25 -13.44 4.41
N TYR A 18 1.04 -13.00 4.05
CA TYR A 18 0.59 -11.66 4.32
C TYR A 18 0.57 -11.43 5.83
N ILE A 19 0.03 -12.41 6.53
CA ILE A 19 -0.07 -12.30 7.98
C ILE A 19 1.34 -12.15 8.56
N LYS A 20 2.29 -12.88 8.00
CA LYS A 20 3.65 -12.86 8.49
C LYS A 20 4.29 -11.53 8.16
N SER A 21 3.89 -10.91 7.04
CA SER A 21 4.59 -9.75 6.53
C SER A 21 4.06 -8.44 7.13
N PHE A 22 2.74 -8.38 7.44
CA PHE A 22 2.09 -7.12 7.76
C PHE A 22 1.46 -7.21 9.14
N PRO A 23 2.10 -6.61 10.17
CA PRO A 23 1.58 -6.65 11.54
C PRO A 23 0.18 -6.07 11.70
N LEU A 24 -0.10 -4.94 11.05
CA LEU A 24 -1.38 -4.26 11.22
C LEU A 24 -2.27 -4.57 10.00
N THR A 25 -3.04 -5.64 10.18
CA THR A 25 -3.97 -6.17 9.19
C THR A 25 -5.28 -5.40 9.21
N LYS A 26 -6.09 -5.63 8.18
CA LYS A 26 -7.43 -5.06 8.16
C LYS A 26 -8.27 -5.59 9.33
N ALA A 27 -8.15 -6.86 9.67
CA ALA A 27 -8.97 -7.37 10.75
C ALA A 27 -8.65 -6.62 12.05
N LYS A 28 -7.37 -6.39 12.27
CA LYS A 28 -6.89 -5.73 13.48
C LYS A 28 -7.30 -4.26 13.49
N ALA A 29 -7.25 -3.61 12.34
CA ALA A 29 -7.61 -2.22 12.22
C ALA A 29 -9.11 -2.04 12.47
N ARG A 30 -9.94 -2.89 11.88
CA ARG A 30 -11.38 -2.87 12.07
C ARG A 30 -11.75 -3.14 13.52
N ALA A 31 -11.08 -4.08 14.18
CA ALA A 31 -11.38 -4.29 15.60
C ALA A 31 -11.15 -3.01 16.42
N ILE A 32 -10.05 -2.31 16.14
CA ILE A 32 -9.71 -1.09 16.87
C ILE A 32 -10.74 -0.02 16.55
N LEU A 33 -11.05 0.21 15.28
CA LEU A 33 -11.96 1.30 14.92
C LEU A 33 -13.39 1.05 15.38
N THR A 34 -13.77 -0.19 15.71
CA THR A 34 -15.14 -0.52 16.12
C THR A 34 -15.21 -0.89 17.61
N GLY A 35 -14.07 -0.80 18.30
CA GLY A 35 -14.03 -0.96 19.75
C GLY A 35 -13.94 -2.41 20.26
N LYS A 36 -13.88 -3.40 19.35
CA LYS A 36 -13.84 -4.79 19.76
C LYS A 36 -12.45 -5.13 20.29
N THR A 37 -12.12 -4.67 21.51
CA THR A 37 -10.72 -4.71 21.97
C THR A 37 -10.60 -4.04 23.33
N SER A 41 -9.35 2.92 23.36
CA SER A 41 -9.58 3.41 21.98
C SER A 41 -8.52 4.43 21.60
N PRO A 42 -8.23 4.62 20.29
CA PRO A 42 -7.10 5.44 19.87
C PRO A 42 -7.24 6.88 20.35
N PHE A 43 -6.11 7.50 20.66
CA PHE A 43 -6.04 8.91 20.97
C PHE A 43 -6.37 9.67 19.70
N VAL A 44 -7.35 10.60 19.77
CA VAL A 44 -7.79 11.30 18.57
C VAL A 44 -7.10 12.65 18.46
N ILE A 45 -6.50 12.87 17.27
CA ILE A 45 -5.89 14.12 16.92
C ILE A 45 -6.78 14.82 15.93
N TYR A 46 -7.41 15.94 16.35
CA TYR A 46 -8.37 16.64 15.51
C TYR A 46 -7.99 18.12 15.36
N ASP A 47 -6.91 18.57 16.02
CA ASP A 47 -6.50 19.97 15.95
C ASP A 47 -5.09 20.07 16.50
N MET A 48 -4.58 21.32 16.60
CA MET A 48 -3.22 21.51 17.07
C MET A 48 -3.10 21.19 18.56
N ASN A 49 -4.10 21.55 19.37
CA ASN A 49 -4.03 21.28 20.80
C ASN A 49 -3.99 19.77 21.04
N SER A 50 -4.83 19.03 20.33
CA SER A 50 -4.85 17.57 20.49
C SER A 50 -3.57 16.92 19.96
N LEU A 51 -3.00 17.44 18.88
CA LEU A 51 -1.69 17.01 18.41
C LEU A 51 -0.65 17.16 19.52
N MET A 52 -0.65 18.33 20.18
CA MET A 52 0.19 18.63 21.32
C MET A 52 0.01 17.62 22.45
N MET A 53 -1.23 17.41 22.89
CA MET A 53 -1.50 16.45 23.93
C MET A 53 -1.15 15.05 23.44
N GLY A 54 -1.32 14.80 22.15
CA GLY A 54 -1.04 13.49 21.58
C GLY A 54 0.43 13.09 21.67
N GLU A 55 1.33 14.07 21.60
CA GLU A 55 2.75 13.77 21.49
C GLU A 55 3.26 13.16 22.79
N ASP A 56 2.61 13.48 23.91
CA ASP A 56 2.95 12.86 25.18
C ASP A 56 2.35 11.45 25.24
N LYS A 57 1.04 11.34 24.97
CA LYS A 57 0.30 10.10 25.20
C LYS A 57 0.82 8.97 24.30
N ILE A 58 0.91 9.20 22.99
CA ILE A 58 1.42 8.20 22.05
C ILE A 58 2.78 8.67 21.53
N LYS A 59 3.31 8.01 20.49
CA LYS A 59 4.54 8.48 19.86
C LYS A 59 4.19 9.33 18.64
N LYS A 71 10.45 21.13 14.62
CA LYS A 71 10.12 22.13 13.56
C LYS A 71 8.60 22.12 13.31
N GLU A 72 8.19 22.72 12.19
CA GLU A 72 6.80 23.06 11.93
C GLU A 72 5.90 21.83 11.81
N VAL A 73 4.62 21.97 12.21
CA VAL A 73 3.69 20.85 12.28
C VAL A 73 3.43 20.22 10.91
N ALA A 74 3.13 21.00 9.87
CA ALA A 74 2.77 20.40 8.60
C ALA A 74 3.92 19.56 8.03
N ILE A 75 5.16 20.02 8.22
CA ILE A 75 6.33 19.31 7.75
C ILE A 75 6.50 18.03 8.55
N ARG A 76 6.32 18.13 9.88
CA ARG A 76 6.43 16.97 10.74
C ARG A 76 5.42 15.90 10.37
N ILE A 77 4.19 16.28 10.00
CA ILE A 77 3.17 15.29 9.68
C ILE A 77 3.46 14.64 8.33
N PHE A 78 3.84 15.45 7.34
CA PHE A 78 4.19 14.94 6.03
C PHE A 78 5.37 13.95 6.13
N GLN A 79 6.41 14.34 6.88
CA GLN A 79 7.56 13.47 7.07
C GLN A 79 7.16 12.20 7.82
N GLY A 80 6.21 12.32 8.74
CA GLY A 80 5.67 11.15 9.40
C GLY A 80 5.05 10.18 8.40
N CYS A 81 4.33 10.72 7.43
CA CYS A 81 3.72 9.92 6.38
C CYS A 81 4.81 9.20 5.58
N GLN A 82 5.86 9.93 5.20
CA GLN A 82 6.97 9.34 4.47
C GLN A 82 7.63 8.22 5.28
N PHE A 83 7.90 8.44 6.57
CA PHE A 83 8.52 7.40 7.40
C PHE A 83 7.65 6.14 7.48
N ARG A 84 6.35 6.32 7.60
CA ARG A 84 5.42 5.20 7.57
C ARG A 84 5.48 4.50 6.21
N SER A 85 5.54 5.23 5.10
CA SER A 85 5.68 4.62 3.79
C SER A 85 6.92 3.74 3.69
N VAL A 86 8.02 4.20 4.28
CA VAL A 86 9.27 3.48 4.25
C VAL A 86 9.11 2.13 4.94
N GLU A 87 8.43 2.09 6.08
CA GLU A 87 8.18 0.84 6.79
C GLU A 87 7.28 -0.09 5.94
N ALA A 88 6.29 0.48 5.25
CA ALA A 88 5.47 -0.32 4.36
C ALA A 88 6.30 -0.91 3.20
N VAL A 89 7.19 -0.15 2.57
CA VAL A 89 8.06 -0.67 1.53
C VAL A 89 8.82 -1.90 2.02
N GLN A 90 9.36 -1.82 3.23
CA GLN A 90 10.02 -2.97 3.83
C GLN A 90 9.13 -4.20 3.91
N GLU A 91 7.89 -4.02 4.39
CA GLU A 91 7.00 -5.14 4.62
C GLU A 91 6.53 -5.70 3.27
N ILE A 92 6.24 -4.81 2.33
CA ILE A 92 5.81 -5.25 1.02
C ILE A 92 6.90 -6.04 0.29
N THR A 93 8.17 -5.62 0.45
CA THR A 93 9.28 -6.31 -0.19
C THR A 93 9.38 -7.73 0.35
N GLU A 94 9.23 -7.87 1.67
CA GLU A 94 9.21 -9.19 2.26
C GLU A 94 8.06 -10.04 1.73
N TYR A 95 6.87 -9.45 1.61
CA TYR A 95 5.74 -10.19 1.09
C TYR A 95 6.00 -10.64 -0.33
N ALA A 96 6.62 -9.78 -1.13
CA ALA A 96 6.81 -10.06 -2.55
C ALA A 96 7.70 -11.27 -2.72
N LYS A 97 8.67 -11.41 -1.84
CA LYS A 97 9.58 -12.54 -1.90
C LYS A 97 8.90 -13.86 -1.65
N SER A 98 7.73 -13.85 -1.00
CA SER A 98 6.99 -15.06 -0.73
C SER A 98 6.06 -15.46 -1.87
N ILE A 99 5.89 -14.61 -2.89
CA ILE A 99 4.96 -14.90 -3.96
C ILE A 99 5.61 -15.91 -4.90
N PRO A 100 5.03 -17.12 -5.06
CA PRO A 100 5.69 -18.17 -5.83
C PRO A 100 6.06 -17.72 -7.24
N GLY A 101 7.35 -17.84 -7.57
CA GLY A 101 7.90 -17.43 -8.86
C GLY A 101 8.63 -16.10 -8.81
N PHE A 102 8.31 -15.24 -7.84
CA PHE A 102 8.80 -13.88 -7.88
C PHE A 102 10.32 -13.85 -7.83
N VAL A 103 10.91 -14.56 -6.87
CA VAL A 103 12.37 -14.43 -6.72
C VAL A 103 13.11 -15.19 -7.83
N ASN A 104 12.38 -15.91 -8.68
CA ASN A 104 12.99 -16.64 -9.78
C ASN A 104 12.99 -15.77 -11.04
N LEU A 105 12.32 -14.63 -11.01
CA LEU A 105 12.38 -13.71 -12.13
C LEU A 105 13.77 -13.09 -12.22
N ASP A 106 14.05 -12.56 -13.41
CA ASP A 106 15.20 -11.71 -13.63
C ASP A 106 15.24 -10.64 -12.54
N LEU A 107 16.39 -10.42 -11.90
CA LEU A 107 16.48 -9.50 -10.78
C LEU A 107 16.20 -8.07 -11.22
N ASN A 108 16.62 -7.70 -12.43
CA ASN A 108 16.25 -6.39 -12.93
C ASN A 108 14.74 -6.21 -12.87
N ASP A 109 14.01 -7.26 -13.25
CA ASP A 109 12.57 -7.20 -13.35
C ASP A 109 11.96 -7.17 -11.95
N GLN A 110 12.50 -7.92 -10.99
CA GLN A 110 11.99 -7.84 -9.64
C GLN A 110 12.04 -6.41 -9.14
N VAL A 111 13.15 -5.71 -9.45
CA VAL A 111 13.35 -4.37 -8.96
C VAL A 111 12.33 -3.45 -9.61
N THR A 112 12.09 -3.64 -10.92
CA THR A 112 11.11 -2.82 -11.62
C THR A 112 9.71 -3.06 -11.03
N LEU A 113 9.36 -4.32 -10.75
CA LEU A 113 8.04 -4.64 -10.20
C LEU A 113 7.84 -3.98 -8.83
N LEU A 114 8.86 -4.00 -7.98
CA LEU A 114 8.73 -3.34 -6.69
C LEU A 114 8.65 -1.82 -6.85
N LYS A 115 9.48 -1.23 -7.71
CA LYS A 115 9.54 0.22 -7.84
C LYS A 115 8.14 0.76 -8.14
N TYR A 116 7.45 0.09 -9.07
CA TYR A 116 6.17 0.57 -9.55
C TYR A 116 5.00 0.04 -8.72
N GLY A 117 5.23 -1.05 -7.98
CA GLY A 117 4.16 -1.72 -7.26
C GLY A 117 3.99 -1.18 -5.84
N VAL A 118 5.08 -0.73 -5.20
CA VAL A 118 5.02 -0.51 -3.77
C VAL A 118 4.00 0.57 -3.39
N HIS A 119 3.90 1.70 -4.11
CA HIS A 119 2.99 2.74 -3.66
C HIS A 119 1.54 2.32 -3.85
N GLU A 120 1.28 1.53 -4.90
CA GLU A 120 -0.08 1.06 -5.16
C GLU A 120 -0.53 0.15 -4.03
N ILE A 121 0.42 -0.66 -3.53
CA ILE A 121 0.09 -1.49 -2.39
C ILE A 121 -0.08 -0.65 -1.13
N ILE A 122 0.79 0.32 -0.92
CA ILE A 122 0.67 1.20 0.23
C ILE A 122 -0.75 1.75 0.30
N TYR A 123 -1.27 2.26 -0.83
CA TYR A 123 -2.56 2.90 -0.79
C TYR A 123 -3.69 1.89 -0.53
N THR A 124 -3.54 0.69 -1.09
CA THR A 124 -4.48 -0.41 -0.92
C THR A 124 -4.57 -0.72 0.57
N MET A 125 -3.41 -0.89 1.18
CA MET A 125 -3.40 -1.33 2.57
C MET A 125 -3.73 -0.18 3.53
N LEU A 126 -3.44 1.06 3.13
CA LEU A 126 -3.82 2.23 3.91
C LEU A 126 -5.34 2.31 4.11
N ALA A 127 -6.08 1.92 3.07
CA ALA A 127 -7.53 1.91 3.14
C ALA A 127 -8.03 1.12 4.36
N SER A 128 -7.39 -0.01 4.65
CA SER A 128 -7.72 -0.80 5.83
C SER A 128 -7.73 0.05 7.12
N LEU A 129 -6.85 1.04 7.23
CA LEU A 129 -6.69 1.87 8.41
C LEU A 129 -7.60 3.10 8.43
N MET A 130 -8.33 3.31 7.34
CA MET A 130 -9.07 4.53 7.17
C MET A 130 -10.58 4.32 7.29
N ASN A 131 -11.29 5.39 7.66
CA ASN A 131 -12.69 5.54 7.35
C ASN A 131 -12.88 6.93 6.78
N LYS A 132 -14.14 7.33 6.57
CA LYS A 132 -14.42 8.60 5.91
C LYS A 132 -14.00 9.77 6.80
N ASP A 133 -13.72 9.52 8.08
CA ASP A 133 -13.45 10.62 9.00
C ASP A 133 -12.00 10.68 9.46
N GLY A 134 -11.17 9.67 9.12
CA GLY A 134 -9.76 9.77 9.50
C GLY A 134 -9.00 8.45 9.35
N VAL A 135 -7.79 8.44 9.93
CA VAL A 135 -6.86 7.37 9.68
C VAL A 135 -6.17 6.96 10.97
N LEU A 136 -6.03 5.65 11.15
CA LEU A 136 -5.22 5.14 12.25
C LEU A 136 -3.76 5.48 12.00
N ILE A 137 -3.07 5.87 13.09
CA ILE A 137 -1.64 6.14 13.05
C ILE A 137 -1.00 5.44 14.23
N SER A 138 0.34 5.43 14.19
CA SER A 138 1.14 4.95 15.29
C SER A 138 0.70 3.55 15.66
N GLU A 139 0.67 2.68 14.65
CA GLU A 139 0.25 1.28 14.80
C GLU A 139 -1.07 1.14 15.56
N GLY A 140 -2.03 2.00 15.23
CA GLY A 140 -3.37 1.91 15.80
C GLY A 140 -3.56 2.60 17.15
N GLN A 141 -2.52 3.26 17.68
CA GLN A 141 -2.65 3.91 18.98
C GLN A 141 -3.24 5.32 18.83
N GLY A 142 -3.28 5.84 17.62
CA GLY A 142 -3.86 7.15 17.47
C GLY A 142 -4.77 7.17 16.25
N PHE A 143 -5.58 8.19 16.17
CA PHE A 143 -6.43 8.41 15.02
C PHE A 143 -6.37 9.87 14.66
N MET A 144 -6.04 10.14 13.38
CA MET A 144 -5.90 11.49 12.95
C MET A 144 -7.04 11.79 11.98
N THR A 145 -7.77 12.88 12.28
CA THR A 145 -9.01 13.20 11.60
C THR A 145 -8.60 13.71 10.23
N ARG A 146 -9.47 13.37 9.27
CA ARG A 146 -9.35 13.81 7.90
C ARG A 146 -9.35 15.32 7.86
N GLU A 147 -10.26 15.92 8.65
CA GLU A 147 -10.39 17.37 8.70
C GLU A 147 -9.11 18.03 9.17
N PHE A 148 -8.46 17.46 10.18
CA PHE A 148 -7.18 17.96 10.65
C PHE A 148 -6.12 17.91 9.54
N LEU A 149 -6.07 16.81 8.78
CA LEU A 149 -5.11 16.66 7.70
C LEU A 149 -5.42 17.65 6.56
N LYS A 150 -6.69 17.99 6.40
CA LYS A 150 -7.03 19.01 5.41
C LYS A 150 -6.69 20.43 5.89
N SER A 151 -6.53 20.64 7.21
CA SER A 151 -6.31 21.98 7.71
C SER A 151 -4.86 22.45 7.49
N LEU A 152 -3.92 21.55 7.15
CA LEU A 152 -2.51 21.91 7.16
C LEU A 152 -2.26 22.98 6.11
N ARG A 153 -1.15 23.73 6.26
CA ARG A 153 -0.89 24.83 5.36
C ARG A 153 -0.46 24.33 3.99
N LYS A 154 -0.70 25.18 3.00
CA LYS A 154 -0.28 24.94 1.64
C LYS A 154 1.24 24.81 1.65
N PRO A 155 1.87 23.90 0.88
CA PRO A 155 1.16 22.95 0.02
C PRO A 155 0.90 21.55 0.57
N PHE A 156 0.60 21.44 1.88
CA PHE A 156 0.42 20.14 2.52
C PHE A 156 -1.05 19.91 2.84
N GLY A 157 -1.90 20.88 2.55
CA GLY A 157 -3.28 20.83 3.03
C GLY A 157 -4.02 19.62 2.48
N ASP A 158 -3.61 19.11 1.33
CA ASP A 158 -4.48 18.18 0.61
C ASP A 158 -3.80 16.83 0.42
N PHE A 159 -2.63 16.62 1.01
CA PHE A 159 -1.77 15.53 0.58
C PHE A 159 -2.46 14.18 0.81
N MET A 160 -3.44 14.08 1.73
CA MET A 160 -4.01 12.78 2.09
C MET A 160 -5.37 12.55 1.40
N GLU A 161 -5.92 13.61 0.80
CA GLU A 161 -7.30 13.57 0.34
C GLU A 161 -7.51 12.50 -0.75
N PRO A 162 -6.63 12.37 -1.76
CA PRO A 162 -6.77 11.31 -2.76
C PRO A 162 -6.78 9.90 -2.16
N LYS A 163 -6.03 9.72 -1.08
CA LYS A 163 -5.98 8.43 -0.42
C LYS A 163 -7.31 8.14 0.29
N PHE A 164 -7.88 9.15 1.00
CA PHE A 164 -9.18 9.02 1.66
C PHE A 164 -10.27 8.69 0.66
N GLU A 165 -10.28 9.44 -0.44
CA GLU A 165 -11.30 9.24 -1.45
C GLU A 165 -11.29 7.81 -1.99
N PHE A 166 -10.10 7.28 -2.29
CA PHE A 166 -9.93 5.91 -2.76
C PHE A 166 -10.44 4.95 -1.69
N ALA A 167 -9.98 5.18 -0.46
CA ALA A 167 -10.27 4.24 0.62
C ALA A 167 -11.77 4.12 0.85
N VAL A 168 -12.51 5.24 0.79
CA VAL A 168 -13.94 5.14 1.07
C VAL A 168 -14.61 4.26 0.02
N LYS A 169 -14.20 4.39 -1.25
CA LYS A 169 -14.80 3.59 -2.31
C LYS A 169 -14.33 2.14 -2.20
N PHE A 170 -13.04 1.95 -1.89
CA PHE A 170 -12.46 0.62 -1.84
C PHE A 170 -13.09 -0.18 -0.70
N ASN A 171 -13.21 0.44 0.47
CA ASN A 171 -13.72 -0.19 1.67
C ASN A 171 -15.17 -0.66 1.49
N ALA A 172 -15.91 -0.03 0.59
CA ALA A 172 -17.28 -0.42 0.31
C ALA A 172 -17.37 -1.83 -0.32
N LEU A 173 -16.27 -2.41 -0.79
CA LEU A 173 -16.23 -3.75 -1.35
C LEU A 173 -16.12 -4.81 -0.24
N GLU A 174 -15.79 -4.38 0.98
CA GLU A 174 -15.78 -5.26 2.14
C GLU A 174 -14.85 -6.45 1.90
N LEU A 175 -13.64 -6.22 1.39
CA LEU A 175 -12.66 -7.28 1.26
C LEU A 175 -12.12 -7.59 2.65
N ASP A 176 -11.69 -8.83 2.84
CA ASP A 176 -10.98 -9.21 4.05
C ASP A 176 -9.52 -9.41 3.69
N ASP A 177 -8.72 -9.71 4.70
CA ASP A 177 -7.29 -9.88 4.51
C ASP A 177 -6.98 -11.04 3.56
N SER A 178 -7.77 -12.10 3.57
CA SER A 178 -7.52 -13.23 2.67
C SER A 178 -7.69 -12.82 1.20
N ASP A 179 -8.68 -11.95 0.96
CA ASP A 179 -8.86 -11.37 -0.35
C ASP A 179 -7.67 -10.47 -0.70
N LEU A 180 -7.34 -9.57 0.22
CA LEU A 180 -6.30 -8.57 -0.02
C LEU A 180 -4.96 -9.21 -0.36
N ALA A 181 -4.63 -10.32 0.29
CA ALA A 181 -3.35 -10.98 0.06
C ALA A 181 -3.17 -11.36 -1.41
N ILE A 182 -4.26 -11.77 -2.05
CA ILE A 182 -4.18 -12.21 -3.42
C ILE A 182 -4.19 -10.98 -4.32
N PHE A 183 -4.99 -9.99 -3.97
CA PHE A 183 -5.10 -8.80 -4.81
C PHE A 183 -3.76 -8.06 -4.87
N ILE A 184 -3.09 -7.91 -3.73
CA ILE A 184 -1.82 -7.19 -3.75
C ILE A 184 -0.77 -7.99 -4.54
N ALA A 185 -0.86 -9.34 -4.53
CA ALA A 185 0.09 -10.12 -5.32
C ALA A 185 -0.14 -9.89 -6.80
N VAL A 186 -1.41 -9.90 -7.21
CA VAL A 186 -1.77 -9.58 -8.58
C VAL A 186 -1.18 -8.23 -9.00
N ILE A 187 -1.31 -7.21 -8.15
CA ILE A 187 -0.78 -5.88 -8.47
C ILE A 187 0.73 -5.89 -8.70
N ILE A 188 1.49 -6.55 -7.81
CA ILE A 188 2.94 -6.54 -7.95
C ILE A 188 3.37 -7.21 -9.26
N LEU A 189 2.71 -8.33 -9.64
CA LEU A 189 3.05 -9.12 -10.81
C LEU A 189 2.38 -8.59 -12.07
N SER A 190 2.57 -7.28 -12.32
CA SER A 190 1.93 -6.62 -13.45
C SER A 190 2.92 -6.58 -14.61
N GLY A 191 2.52 -7.18 -15.72
CA GLY A 191 3.37 -7.32 -16.90
C GLY A 191 3.58 -6.00 -17.65
N ASP A 192 2.88 -4.94 -17.24
CA ASP A 192 2.86 -3.74 -18.05
C ASP A 192 3.68 -2.61 -17.42
N ARG A 193 4.47 -2.92 -16.40
CA ARG A 193 5.36 -1.91 -15.86
C ARG A 193 6.36 -1.51 -16.92
N PRO A 194 6.72 -0.21 -16.98
CA PRO A 194 7.77 0.26 -17.90
C PRO A 194 9.09 -0.46 -17.66
N GLY A 195 9.76 -0.86 -18.74
CA GLY A 195 11.16 -1.24 -18.66
C GLY A 195 11.35 -2.72 -18.30
N LEU A 196 10.26 -3.49 -18.18
CA LEU A 196 10.38 -4.92 -17.94
C LEU A 196 11.11 -5.60 -19.08
N LEU A 197 12.03 -6.52 -18.73
CA LEU A 197 12.83 -7.21 -19.74
C LEU A 197 12.13 -8.47 -20.24
N ASN A 198 11.44 -9.23 -19.35
CA ASN A 198 10.79 -10.47 -19.74
C ASN A 198 9.34 -10.50 -19.24
N VAL A 199 8.42 -10.04 -20.09
CA VAL A 199 7.04 -9.82 -19.68
C VAL A 199 6.33 -11.17 -19.49
N LYS A 200 6.62 -12.16 -20.35
CA LYS A 200 5.83 -13.38 -20.41
C LYS A 200 5.86 -14.16 -19.10
N PRO A 201 7.03 -14.42 -18.47
CA PRO A 201 7.02 -15.10 -17.16
C PRO A 201 6.23 -14.37 -16.05
N ILE A 202 6.20 -13.04 -16.13
CA ILE A 202 5.43 -12.23 -15.18
C ILE A 202 3.93 -12.41 -15.42
N GLU A 203 3.50 -12.30 -16.67
CA GLU A 203 2.11 -12.52 -17.01
C GLU A 203 1.65 -13.95 -16.68
N ASP A 204 2.55 -14.91 -16.77
CA ASP A 204 2.18 -16.28 -16.47
C ASP A 204 1.85 -16.43 -14.98
N ILE A 205 2.73 -15.88 -14.13
CA ILE A 205 2.48 -15.88 -12.70
C ILE A 205 1.19 -15.12 -12.39
N GLN A 206 1.02 -13.94 -13.00
CA GLN A 206 -0.14 -13.13 -12.70
C GLN A 206 -1.41 -13.87 -13.10
N ASP A 207 -1.34 -14.69 -14.16
CA ASP A 207 -2.52 -15.41 -14.61
C ASP A 207 -2.96 -16.43 -13.56
N ASN A 208 -2.00 -17.08 -12.91
CA ASN A 208 -2.32 -18.00 -11.84
C ASN A 208 -2.96 -17.23 -10.68
N LEU A 209 -2.36 -16.08 -10.35
CA LEU A 209 -2.82 -15.28 -9.22
C LEU A 209 -4.24 -14.79 -9.48
N LEU A 210 -4.52 -14.41 -10.73
CA LEU A 210 -5.84 -13.91 -11.08
C LEU A 210 -6.92 -14.99 -10.95
N GLN A 211 -6.58 -16.24 -11.32
CA GLN A 211 -7.50 -17.34 -11.16
C GLN A 211 -7.67 -17.71 -9.69
N ALA A 212 -6.59 -17.57 -8.92
CA ALA A 212 -6.70 -17.77 -7.48
C ALA A 212 -7.67 -16.74 -6.89
N LEU A 213 -7.55 -15.51 -7.38
CA LEU A 213 -8.35 -14.41 -6.90
C LEU A 213 -9.81 -14.66 -7.22
N GLU A 214 -10.07 -15.06 -8.47
CA GLU A 214 -11.44 -15.32 -8.91
C GLU A 214 -12.09 -16.37 -8.03
N LEU A 215 -11.39 -17.47 -7.78
CA LEU A 215 -11.94 -18.54 -6.97
C LEU A 215 -12.17 -18.07 -5.53
N GLN A 216 -11.21 -17.33 -4.94
CA GLN A 216 -11.31 -16.78 -3.59
C GLN A 216 -12.57 -15.92 -3.42
N LEU A 217 -12.86 -15.07 -4.41
CA LEU A 217 -13.94 -14.12 -4.29
C LEU A 217 -15.29 -14.83 -4.46
N LYS A 218 -15.29 -15.87 -5.29
CA LYS A 218 -16.49 -16.67 -5.46
C LYS A 218 -16.81 -17.41 -4.17
N LEU A 219 -15.77 -17.92 -3.49
CA LEU A 219 -15.97 -18.70 -2.28
C LEU A 219 -16.31 -17.77 -1.12
N ASN A 220 -15.65 -16.60 -1.08
CA ASN A 220 -15.63 -15.75 0.11
C ASN A 220 -16.68 -14.64 -0.01
N HIS A 221 -17.15 -14.32 -1.22
CA HIS A 221 -18.14 -13.27 -1.36
C HIS A 221 -19.22 -13.71 -2.34
N PRO A 222 -19.93 -14.84 -2.07
CA PRO A 222 -20.94 -15.34 -3.02
C PRO A 222 -22.07 -14.34 -3.27
N GLU A 223 -22.36 -13.43 -2.33
CA GLU A 223 -23.41 -12.43 -2.49
C GLU A 223 -22.99 -11.24 -3.37
N SER A 224 -21.70 -11.09 -3.64
CA SER A 224 -21.17 -9.95 -4.40
C SER A 224 -20.85 -10.39 -5.81
N SER A 225 -21.84 -10.25 -6.70
CA SER A 225 -21.87 -10.97 -7.97
C SER A 225 -20.81 -10.49 -8.97
N GLN A 226 -20.35 -9.25 -8.85
CA GLN A 226 -19.41 -8.68 -9.82
C GLN A 226 -18.13 -8.19 -9.15
N LEU A 227 -17.77 -8.79 -8.02
CA LEU A 227 -16.68 -8.27 -7.22
C LEU A 227 -15.34 -8.35 -7.96
N PHE A 228 -15.06 -9.47 -8.62
CA PHE A 228 -13.80 -9.69 -9.33
C PHE A 228 -13.58 -8.56 -10.33
N ALA A 229 -14.58 -8.32 -11.19
CA ALA A 229 -14.52 -7.25 -12.17
C ALA A 229 -14.30 -5.88 -11.51
N LYS A 230 -14.99 -5.62 -10.39
CA LYS A 230 -14.88 -4.35 -9.70
C LYS A 230 -13.46 -4.15 -9.16
N LEU A 231 -12.83 -5.26 -8.75
CA LEU A 231 -11.51 -5.18 -8.16
C LEU A 231 -10.44 -4.93 -9.22
N LEU A 232 -10.62 -5.52 -10.40
CA LEU A 232 -9.68 -5.30 -11.48
C LEU A 232 -9.65 -3.79 -11.78
N GLN A 233 -10.81 -3.14 -11.72
CA GLN A 233 -10.87 -1.72 -12.00
C GLN A 233 -10.11 -0.92 -10.95
N LYS A 234 -10.09 -1.41 -9.70
CA LYS A 234 -9.40 -0.65 -8.68
C LYS A 234 -7.91 -0.60 -8.96
N MET A 235 -7.38 -1.68 -9.56
CA MET A 235 -5.96 -1.71 -9.88
C MET A 235 -5.59 -0.51 -10.75
N THR A 236 -6.43 -0.23 -11.75
CA THR A 236 -6.20 0.92 -12.60
C THR A 236 -6.28 2.22 -11.79
N ASP A 237 -7.29 2.35 -10.93
CA ASP A 237 -7.43 3.52 -10.06
C ASP A 237 -6.17 3.76 -9.22
N LEU A 238 -5.58 2.68 -8.72
CA LEU A 238 -4.39 2.83 -7.91
C LEU A 238 -3.28 3.56 -8.66
N ARG A 239 -3.10 3.26 -9.95
CA ARG A 239 -2.04 3.90 -10.73
C ARG A 239 -2.16 5.43 -10.71
N GLN A 240 -3.38 5.97 -10.71
CA GLN A 240 -3.59 7.41 -10.79
C GLN A 240 -3.27 8.10 -9.47
N ILE A 241 -3.55 7.45 -8.34
CA ILE A 241 -3.21 8.08 -7.07
C ILE A 241 -1.69 8.23 -7.00
N VAL A 242 -0.97 7.22 -7.50
CA VAL A 242 0.48 7.25 -7.45
C VAL A 242 0.99 8.40 -8.33
N THR A 243 0.48 8.46 -9.56
CA THR A 243 0.82 9.55 -10.46
C THR A 243 0.63 10.90 -9.76
N GLU A 244 -0.52 11.08 -9.14
CA GLU A 244 -0.88 12.34 -8.51
C GLU A 244 -0.01 12.61 -7.28
N HIS A 245 0.43 11.53 -6.61
CA HIS A 245 1.26 11.71 -5.43
C HIS A 245 2.64 12.24 -5.84
N VAL A 246 3.20 11.66 -6.92
CA VAL A 246 4.54 12.04 -7.37
C VAL A 246 4.54 13.51 -7.80
N GLN A 247 3.45 13.94 -8.45
CA GLN A 247 3.31 15.33 -8.86
C GLN A 247 3.24 16.23 -7.63
N LEU A 248 2.48 15.80 -6.62
CA LEU A 248 2.34 16.53 -5.36
C LEU A 248 3.71 16.74 -4.74
N LEU A 249 4.56 15.71 -4.79
CA LEU A 249 5.93 15.79 -4.30
C LEU A 249 6.77 16.78 -5.10
N GLN A 250 6.54 16.88 -6.42
CA GLN A 250 7.26 17.84 -7.22
C GLN A 250 7.01 19.24 -6.66
N VAL A 251 5.73 19.55 -6.40
CA VAL A 251 5.34 20.84 -5.87
C VAL A 251 6.08 21.09 -4.56
N ILE A 252 6.09 20.08 -3.69
CA ILE A 252 6.63 20.25 -2.35
C ILE A 252 8.16 20.42 -2.46
N LYS A 253 8.79 19.72 -3.40
CA LYS A 253 10.22 19.86 -3.63
C LYS A 253 10.57 21.29 -4.09
N LYS A 254 9.58 22.00 -4.63
CA LYS A 254 9.76 23.38 -5.05
C LYS A 254 9.71 24.32 -3.84
N THR A 255 8.58 24.31 -3.13
CA THR A 255 8.31 25.29 -2.07
C THR A 255 9.23 25.03 -0.87
N GLU A 256 9.62 23.78 -0.63
CA GLU A 256 10.23 23.38 0.63
C GLU A 256 11.60 22.75 0.37
N THR A 257 12.60 23.59 0.06
CA THR A 257 13.92 23.10 -0.32
C THR A 257 14.69 22.57 0.89
N ASP A 258 14.33 23.01 2.11
CA ASP A 258 15.05 22.63 3.30
C ASP A 258 14.63 21.25 3.82
N MET A 259 13.49 20.74 3.34
CA MET A 259 12.91 19.52 3.87
C MET A 259 13.66 18.32 3.27
N SER A 260 14.18 17.46 4.14
CA SER A 260 14.91 16.27 3.71
C SER A 260 13.90 15.19 3.32
N LEU A 261 14.14 14.53 2.19
CA LEU A 261 13.28 13.44 1.78
C LEU A 261 13.96 12.12 2.12
N HIS A 262 13.18 11.05 2.25
CA HIS A 262 13.72 9.77 2.70
C HIS A 262 14.43 9.08 1.52
N PRO A 263 15.70 8.65 1.69
CA PRO A 263 16.50 8.13 0.56
C PRO A 263 15.98 6.85 -0.10
N LEU A 264 15.24 6.02 0.65
CA LEU A 264 14.66 4.81 0.10
C LEU A 264 13.55 5.24 -0.87
N LEU A 265 12.81 6.28 -0.45
CA LEU A 265 11.71 6.73 -1.28
C LEU A 265 12.26 7.42 -2.51
N GLN A 266 13.40 8.11 -2.36
CA GLN A 266 14.05 8.76 -3.48
C GLN A 266 14.50 7.72 -4.51
N GLU A 267 15.01 6.58 -4.06
CA GLU A 267 15.29 5.48 -4.98
C GLU A 267 14.04 5.07 -5.76
N ILE A 268 12.92 4.89 -5.03
CA ILE A 268 11.69 4.45 -5.68
C ILE A 268 11.20 5.48 -6.68
N TYR A 269 11.21 6.76 -6.29
CA TYR A 269 10.62 7.83 -7.07
C TYR A 269 11.52 8.24 -8.25
N LYS A 270 12.82 7.93 -8.22
CA LYS A 270 13.73 8.39 -9.28
C LYS A 270 13.34 7.81 -10.64
N ASP A 271 12.94 8.69 -11.56
CA ASP A 271 12.53 8.33 -12.92
C ASP A 271 11.31 7.41 -12.90
N LEU A 272 10.45 7.58 -11.88
CA LEU A 272 9.14 6.96 -11.84
C LEU A 272 8.13 7.87 -12.54
N TYR A 273 7.61 7.45 -13.70
CA TYR A 273 6.54 8.19 -14.38
C TYR A 273 6.99 9.59 -14.80
N THR B 3 23.59 -8.86 -7.74
CA THR B 3 23.88 -7.68 -8.53
C THR B 3 22.89 -7.60 -9.68
N HIS B 4 22.68 -6.38 -10.18
CA HIS B 4 21.75 -6.13 -11.28
C HIS B 4 22.18 -4.82 -11.94
N HIS B 5 21.62 -4.50 -13.11
CA HIS B 5 22.13 -3.40 -13.92
C HIS B 5 22.06 -2.06 -13.18
N ARG B 6 21.00 -1.82 -12.41
CA ARG B 6 20.81 -0.50 -11.82
C ARG B 6 21.16 -0.49 -10.34
N ILE B 7 21.96 -1.46 -9.88
CA ILE B 7 22.17 -1.61 -8.45
C ILE B 7 22.71 -0.31 -7.85
N SER B 8 23.60 0.40 -8.57
CA SER B 8 24.25 1.57 -7.98
C SER B 8 23.26 2.69 -7.66
N ASP B 9 22.02 2.60 -8.19
CA ASP B 9 20.95 3.55 -7.92
C ASP B 9 19.93 2.95 -6.95
N TYR B 10 20.15 1.72 -6.49
CA TYR B 10 19.19 1.04 -5.63
C TYR B 10 19.88 0.36 -4.47
N ARG B 12 19.58 0.84 -1.28
CA ARG B 12 18.70 0.62 -0.14
C ARG B 12 17.64 -0.43 -0.47
N LEU B 13 17.06 -0.34 -1.66
CA LEU B 13 16.04 -1.31 -2.06
C LEU B 13 16.63 -2.69 -2.20
N THR B 14 17.88 -2.74 -2.74
CA THR B 14 18.52 -4.02 -2.96
C THR B 14 18.84 -4.61 -1.60
N LEU B 16 17.03 -4.49 0.90
CA LEU B 16 15.83 -5.11 1.41
C LEU B 16 15.53 -6.41 0.66
N LEU B 17 15.64 -6.36 -0.66
CA LEU B 17 15.25 -7.50 -1.47
C LEU B 17 16.24 -8.66 -1.34
N CYS B 18 17.52 -8.36 -1.20
CA CYS B 18 18.55 -9.37 -1.37
C CYS B 18 19.39 -9.51 -0.10
#